data_5ZV2
#
_entry.id   5ZV2
#
_cell.length_a   210.214
_cell.length_b   57.464
_cell.length_c   65.955
_cell.angle_alpha   90.00
_cell.angle_beta   106.75
_cell.angle_gamma   90.00
#
_symmetry.space_group_name_H-M   'C 1 2 1'
#
loop_
_entity.id
_entity.type
_entity.pdbx_description
1 polymer 'Fibroblast growth factor receptor 1'
2 non-polymer 4-{3-chloro-4-[(cyclopropylcarbamoyl)amino]phenoxy}-7-methoxyquinoline-6-carboxamide
3 water water
#
_entity_poly.entity_id   1
_entity_poly.type   'polypeptide(L)'
_entity_poly.pdbx_seq_one_letter_code
;SSEYELPEDPRWELPRDRLVLGKPLGEGAFGQVVLAEAIGLDKDKPNRVTKVAVKMLKSDATEKDLSDLISEMEMMKMIG
KHKNIINLLGACTQDGPLYVIVEYASKGNLREYLQARRPPGLEYCYNPSHNPEEQLSSKDLVSCAYQVARGMEYLASKKC
IHRDLAARNVLVTEDNVMKIADFGLARDIHHIDYYKKTTNGRLPVKWMAPEALFDRIYTHQSDVWSFGVLLWEIFTLGGS
PYPGVPVEELFKLLKEGHRMDKPSNCTNELYMMMRDCWHAVPSQRPTFKQLVEDLDRIVALTSNQ
;
_entity_poly.pdbx_strand_id   A,B
#
loop_
_chem_comp.id
_chem_comp.type
_chem_comp.name
_chem_comp.formula
LEV non-polymer 4-{3-chloro-4-[(cyclopropylcarbamoyl)amino]phenoxy}-7-methoxyquinoline-6-carboxamide 'C21 H19 Cl N4 O4'
#
# COMPACT_ATOMS: atom_id res chain seq x y z
N TYR A 4 -45.10 19.11 -1.02
CA TYR A 4 -43.60 19.00 -0.90
C TYR A 4 -42.98 20.35 -0.51
N GLU A 5 -42.96 20.63 0.80
CA GLU A 5 -42.33 21.82 1.35
C GLU A 5 -41.56 21.43 2.60
N LEU A 6 -40.24 21.37 2.47
CA LEU A 6 -39.35 20.88 3.52
C LEU A 6 -38.96 22.05 4.42
N PRO A 7 -38.83 21.83 5.74
CA PRO A 7 -38.39 22.94 6.60
C PRO A 7 -36.88 23.12 6.59
N GLU A 8 -36.44 24.37 6.67
CA GLU A 8 -35.01 24.71 6.71
C GLU A 8 -34.43 24.34 8.07
N ASP A 9 -33.17 23.96 8.06
CA ASP A 9 -32.39 23.71 9.26
C ASP A 9 -31.04 24.44 9.08
N PRO A 10 -30.91 25.66 9.64
CA PRO A 10 -29.70 26.49 9.50
C PRO A 10 -28.37 25.88 9.94
N ARG A 11 -28.42 24.84 10.77
CA ARG A 11 -27.22 24.11 11.19
C ARG A 11 -26.47 23.53 9.96
N TRP A 12 -27.24 22.85 9.13
CA TRP A 12 -26.77 22.13 7.94
C TRP A 12 -27.00 22.79 6.58
N GLU A 13 -27.90 23.77 6.52
CA GLU A 13 -28.32 24.38 5.25
C GLU A 13 -27.15 25.01 4.48
N LEU A 14 -27.10 24.73 3.18
CA LEU A 14 -26.08 25.24 2.27
C LEU A 14 -26.76 25.87 1.04
N PRO A 15 -26.31 27.06 0.60
CA PRO A 15 -26.84 27.60 -0.65
C PRO A 15 -26.49 26.73 -1.85
N ARG A 16 -27.45 26.59 -2.77
CA ARG A 16 -27.29 25.80 -4.00
C ARG A 16 -26.20 26.34 -4.92
N ASP A 17 -26.06 27.66 -4.94
CA ASP A 17 -24.96 28.32 -5.66
C ASP A 17 -23.54 27.93 -5.19
N ARG A 18 -23.44 27.33 -3.99
CA ARG A 18 -22.18 26.82 -3.44
C ARG A 18 -21.90 25.34 -3.73
N LEU A 19 -22.65 24.77 -4.66
CA LEU A 19 -22.55 23.34 -4.91
C LEU A 19 -22.49 23.00 -6.40
N VAL A 20 -21.28 22.72 -6.89
CA VAL A 20 -21.01 22.42 -8.29
C VAL A 20 -21.12 20.90 -8.48
N LEU A 21 -22.20 20.46 -9.12
CA LEU A 21 -22.44 19.02 -9.32
C LEU A 21 -21.52 18.43 -10.39
N GLY A 22 -21.33 17.11 -10.31
CA GLY A 22 -20.38 16.37 -11.16
C GLY A 22 -20.89 15.00 -11.58
N LYS A 23 -19.96 14.11 -11.94
CA LYS A 23 -20.30 12.78 -12.46
C LYS A 23 -21.02 11.94 -11.41
N PRO A 24 -21.83 10.95 -11.84
CA PRO A 24 -22.47 10.06 -10.88
C PRO A 24 -21.48 9.10 -10.21
N LEU A 25 -21.91 8.49 -9.11
CA LEU A 25 -21.09 7.55 -8.34
C LEU A 25 -21.76 6.19 -8.12
N GLY A 26 -20.97 5.13 -8.17
CA GLY A 26 -21.37 3.76 -7.77
C GLY A 26 -22.59 3.00 -8.26
N GLU A 27 -23.00 3.21 -9.51
CA GLU A 27 -23.95 2.32 -10.20
C GLU A 27 -25.37 2.21 -9.61
N GLY A 28 -25.90 3.30 -9.09
CA GLY A 28 -27.22 3.29 -8.41
C GLY A 28 -27.33 2.48 -7.12
N ALA A 29 -26.22 1.88 -6.69
CA ALA A 29 -26.16 1.05 -5.47
C ALA A 29 -26.63 1.79 -4.22
N PHE A 30 -26.40 3.11 -4.21
CA PHE A 30 -26.82 3.98 -3.12
C PHE A 30 -27.93 4.97 -3.48
N GLY A 31 -28.67 4.78 -4.58
CA GLY A 31 -29.85 5.61 -4.89
C GLY A 31 -29.67 7.02 -5.46
N GLN A 32 -28.97 7.10 -6.58
CA GLN A 32 -28.69 8.37 -7.33
C GLN A 32 -27.84 9.38 -6.56
N VAL A 33 -26.56 9.01 -6.50
CA VAL A 33 -25.51 9.77 -5.86
C VAL A 33 -24.62 10.34 -6.95
N VAL A 34 -24.12 11.54 -6.72
CA VAL A 34 -23.18 12.19 -7.63
C VAL A 34 -21.97 12.78 -6.90
N LEU A 35 -20.85 12.84 -7.60
CA LEU A 35 -19.71 13.62 -7.16
C LEU A 35 -20.06 15.09 -7.28
N ALA A 36 -19.52 15.90 -6.40
CA ALA A 36 -19.79 17.33 -6.41
C ALA A 36 -18.68 18.10 -5.70
N GLU A 37 -18.71 19.41 -5.90
CA GLU A 37 -17.72 20.31 -5.31
C GLU A 37 -18.46 21.41 -4.56
N ALA A 38 -18.30 21.39 -3.23
CA ALA A 38 -18.95 22.36 -2.35
C ALA A 38 -17.95 23.48 -2.08
N ILE A 39 -18.34 24.68 -2.47
CA ILE A 39 -17.53 25.88 -2.25
C ILE A 39 -17.76 26.39 -0.83
N GLY A 40 -16.75 26.26 0.01
CA GLY A 40 -16.78 26.80 1.36
C GLY A 40 -17.85 26.19 2.26
N LEU A 41 -17.71 24.91 2.55
CA LEU A 41 -18.53 24.24 3.57
C LEU A 41 -18.20 24.83 4.92
N ASP A 42 -16.91 24.78 5.22
CA ASP A 42 -16.34 25.37 6.40
C ASP A 42 -16.35 26.89 6.18
N LYS A 43 -17.19 27.58 6.95
CA LYS A 43 -17.29 29.05 6.87
C LYS A 43 -15.99 29.78 7.25
N ASP A 44 -15.09 29.12 8.00
CA ASP A 44 -13.73 29.62 8.27
C ASP A 44 -12.88 29.81 7.00
N LYS A 45 -12.84 28.78 6.15
CA LYS A 45 -12.15 28.84 4.86
C LYS A 45 -13.22 28.79 3.75
N PRO A 46 -13.84 29.94 3.41
CA PRO A 46 -14.98 29.96 2.47
C PRO A 46 -14.61 29.92 0.99
N ASN A 47 -13.32 30.07 0.68
CA ASN A 47 -12.81 30.05 -0.69
C ASN A 47 -12.18 28.70 -1.08
N ARG A 48 -12.30 27.69 -0.21
CA ARG A 48 -11.87 26.32 -0.49
C ARG A 48 -13.01 25.51 -1.08
N VAL A 49 -12.71 24.78 -2.16
CA VAL A 49 -13.61 23.72 -2.63
C VAL A 49 -13.34 22.46 -1.82
N THR A 50 -14.40 21.71 -1.55
CA THR A 50 -14.30 20.37 -0.97
C THR A 50 -15.04 19.36 -1.85
N LYS A 51 -14.37 18.26 -2.17
CA LYS A 51 -14.99 17.16 -2.91
C LYS A 51 -15.97 16.42 -1.99
N VAL A 52 -17.23 16.32 -2.44
CA VAL A 52 -18.32 15.73 -1.64
C VAL A 52 -19.21 14.80 -2.47
N ALA A 53 -19.93 13.94 -1.77
CA ALA A 53 -20.96 13.12 -2.39
C ALA A 53 -22.31 13.74 -2.09
N VAL A 54 -23.21 13.65 -3.07
CA VAL A 54 -24.53 14.29 -3.01
C VAL A 54 -25.61 13.31 -3.46
N LYS A 55 -26.39 12.82 -2.51
CA LYS A 55 -27.55 11.99 -2.82
C LYS A 55 -28.74 12.89 -3.11
N MET A 56 -29.59 12.43 -4.02
CA MET A 56 -30.83 13.12 -4.37
C MET A 56 -31.87 12.11 -4.87
N LEU A 57 -33.10 12.57 -4.98
CA LEU A 57 -34.20 11.77 -5.52
C LEU A 57 -34.10 11.57 -7.03
N LYS A 58 -34.69 10.48 -7.49
CA LYS A 58 -34.62 10.02 -8.87
C LYS A 58 -35.63 10.77 -9.75
N SER A 59 -35.48 10.60 -11.06
CA SER A 59 -36.33 11.25 -12.07
C SER A 59 -37.84 11.08 -11.82
N ASP A 60 -38.22 9.86 -11.45
CA ASP A 60 -39.62 9.48 -11.20
C ASP A 60 -39.86 8.96 -9.77
N ALA A 61 -39.26 9.61 -8.79
CA ALA A 61 -39.41 9.23 -7.37
C ALA A 61 -40.81 9.52 -6.86
N THR A 62 -41.24 8.68 -5.91
CA THR A 62 -42.58 8.80 -5.32
C THR A 62 -42.51 9.73 -4.11
N GLU A 63 -43.69 10.09 -3.59
CA GLU A 63 -43.77 10.87 -2.34
C GLU A 63 -43.16 10.12 -1.13
N LYS A 64 -43.23 8.80 -1.15
CA LYS A 64 -42.63 7.95 -0.08
C LYS A 64 -41.10 7.91 -0.12
N ASP A 65 -40.54 7.91 -1.34
CA ASP A 65 -39.08 8.03 -1.51
C ASP A 65 -38.50 9.31 -0.87
N LEU A 66 -39.24 10.42 -0.95
CA LEU A 66 -38.85 11.68 -0.28
C LEU A 66 -38.86 11.50 1.25
N SER A 67 -39.92 10.89 1.75
CA SER A 67 -40.05 10.59 3.19
C SER A 67 -38.83 9.81 3.67
N ASP A 68 -38.47 8.78 2.92
CA ASP A 68 -37.30 7.93 3.20
C ASP A 68 -35.99 8.72 3.29
N LEU A 69 -35.76 9.54 2.27
CA LEU A 69 -34.52 10.35 2.17
C LEU A 69 -34.35 11.37 3.31
N ILE A 70 -35.46 11.91 3.81
CA ILE A 70 -35.43 12.86 4.91
C ILE A 70 -35.03 12.15 6.22
N SER A 71 -35.65 11.00 6.47
CA SER A 71 -35.33 10.18 7.66
C SER A 71 -33.85 9.83 7.72
N GLU A 72 -33.30 9.49 6.55
CA GLU A 72 -31.87 9.21 6.38
C GLU A 72 -31.00 10.40 6.80
N MET A 73 -31.40 11.58 6.32
CA MET A 73 -30.73 12.84 6.66
C MET A 73 -30.78 13.12 8.17
N GLU A 74 -31.97 12.99 8.75
CA GLU A 74 -32.18 13.24 10.20
C GLU A 74 -31.45 12.23 11.09
N MET A 75 -31.47 10.97 10.67
CA MET A 75 -30.70 9.89 11.31
C MET A 75 -29.23 10.27 11.48
N MET A 76 -28.64 10.74 10.39
CA MET A 76 -27.24 11.16 10.37
C MET A 76 -26.97 12.33 11.31
N LYS A 77 -27.91 13.28 11.31
CA LYS A 77 -27.86 14.44 12.20
C LYS A 77 -27.74 14.02 13.66
N MET A 78 -28.59 13.07 14.04
CA MET A 78 -28.65 12.57 15.41
C MET A 78 -27.43 11.75 15.83
N ILE A 79 -27.07 10.77 15.00
CA ILE A 79 -25.97 9.83 15.29
C ILE A 79 -24.65 10.53 15.57
N GLY A 80 -24.38 11.59 14.82
CA GLY A 80 -23.22 12.44 15.10
C GLY A 80 -21.97 11.92 14.43
N LYS A 81 -20.87 12.66 14.63
CA LYS A 81 -19.65 12.46 13.86
C LYS A 81 -18.75 11.35 14.42
N HIS A 82 -18.19 10.57 13.50
CA HIS A 82 -17.12 9.63 13.81
C HIS A 82 -16.24 9.45 12.58
N LYS A 83 -14.93 9.29 12.79
CA LYS A 83 -13.95 9.13 11.69
C LYS A 83 -14.35 7.99 10.76
N ASN A 84 -14.75 6.88 11.36
CA ASN A 84 -15.02 5.63 10.67
C ASN A 84 -16.49 5.40 10.25
N ILE A 85 -17.24 6.48 10.06
CA ILE A 85 -18.56 6.42 9.43
C ILE A 85 -18.69 7.54 8.40
N ILE A 86 -19.61 7.36 7.46
CA ILE A 86 -19.97 8.42 6.51
C ILE A 86 -20.71 9.50 7.29
N ASN A 87 -20.10 10.68 7.38
CA ASN A 87 -20.68 11.82 8.10
C ASN A 87 -21.44 12.80 7.19
N LEU A 88 -22.54 13.32 7.71
CA LEU A 88 -23.29 14.37 7.05
C LEU A 88 -22.47 15.66 7.10
N LEU A 89 -22.39 16.34 5.95
CA LEU A 89 -21.69 17.62 5.80
C LEU A 89 -22.62 18.81 5.62
N GLY A 90 -23.74 18.58 4.95
CA GLY A 90 -24.74 19.61 4.75
C GLY A 90 -25.91 19.14 3.89
N ALA A 91 -26.78 20.08 3.54
CA ALA A 91 -27.94 19.79 2.70
C ALA A 91 -28.54 21.04 2.04
N CYS A 92 -29.19 20.82 0.91
CA CYS A 92 -29.96 21.85 0.19
C CYS A 92 -31.44 21.47 0.20
N THR A 93 -32.17 22.06 1.15
CA THR A 93 -33.59 21.75 1.38
C THR A 93 -34.57 22.76 0.76
N GLN A 94 -34.16 24.03 0.71
CA GLN A 94 -35.04 25.14 0.32
C GLN A 94 -34.96 25.51 -1.17
N ASP A 95 -36.11 25.80 -1.75
CA ASP A 95 -36.26 26.30 -3.14
C ASP A 95 -35.56 25.43 -4.18
N GLY A 96 -35.93 24.16 -4.20
CA GLY A 96 -35.39 23.19 -5.16
C GLY A 96 -35.40 21.77 -4.62
N PRO A 97 -34.85 20.82 -5.40
CA PRO A 97 -34.82 19.43 -4.96
C PRO A 97 -33.89 19.20 -3.77
N LEU A 98 -34.22 18.19 -2.98
CA LEU A 98 -33.46 17.86 -1.78
C LEU A 98 -32.10 17.25 -2.16
N TYR A 99 -31.03 17.90 -1.71
CA TYR A 99 -29.67 17.35 -1.80
C TYR A 99 -29.15 17.09 -0.39
N VAL A 100 -28.62 15.90 -0.17
CA VAL A 100 -28.01 15.51 1.10
C VAL A 100 -26.52 15.34 0.85
N ILE A 101 -25.73 16.20 1.46
CA ILE A 101 -24.30 16.27 1.19
C ILE A 101 -23.51 15.52 2.28
N VAL A 102 -22.73 14.53 1.85
CA VAL A 102 -21.92 13.72 2.76
C VAL A 102 -20.46 13.67 2.34
N GLU A 103 -19.64 13.20 3.28
CA GLU A 103 -18.20 13.03 3.09
C GLU A 103 -17.91 12.15 1.88
N TYR A 104 -17.02 12.60 1.02
CA TYR A 104 -16.62 11.84 -0.19
C TYR A 104 -15.57 10.82 0.15
N ALA A 105 -15.68 9.64 -0.46
CA ALA A 105 -14.75 8.52 -0.27
C ALA A 105 -14.12 8.08 -1.60
N SER A 106 -13.05 8.78 -1.99
CA SER A 106 -12.47 8.70 -3.34
C SER A 106 -12.20 7.30 -3.92
N LYS A 107 -11.71 6.40 -3.07
CA LYS A 107 -11.28 5.06 -3.51
C LYS A 107 -12.37 3.96 -3.48
N GLY A 108 -13.64 4.35 -3.63
CA GLY A 108 -14.73 3.39 -3.78
C GLY A 108 -15.07 2.62 -2.52
N ASN A 109 -15.82 1.53 -2.67
CA ASN A 109 -16.15 0.63 -1.56
C ASN A 109 -15.01 -0.37 -1.27
N LEU A 110 -15.14 -1.05 -0.14
CA LEU A 110 -14.09 -1.94 0.34
C LEU A 110 -13.88 -3.16 -0.54
N ARG A 111 -14.97 -3.72 -1.07
CA ARG A 111 -14.89 -4.88 -1.98
C ARG A 111 -13.99 -4.54 -3.17
N GLU A 112 -14.36 -3.48 -3.87
CA GLU A 112 -13.61 -3.00 -5.05
C GLU A 112 -12.17 -2.63 -4.70
N TYR A 113 -12.02 -1.90 -3.58
CA TYR A 113 -10.72 -1.50 -3.05
C TYR A 113 -9.77 -2.69 -2.88
N LEU A 114 -10.28 -3.75 -2.24
CA LEU A 114 -9.51 -4.98 -2.03
C LEU A 114 -9.22 -5.76 -3.30
N GLN A 115 -10.20 -5.81 -4.21
CA GLN A 115 -10.06 -6.54 -5.48
C GLN A 115 -9.04 -5.90 -6.42
N ALA A 116 -9.09 -4.58 -6.53
CA ALA A 116 -8.13 -3.79 -7.34
C ALA A 116 -6.69 -3.85 -6.82
N ARG A 117 -6.53 -4.14 -5.52
CA ARG A 117 -5.21 -4.27 -4.87
C ARG A 117 -4.84 -5.73 -4.57
N ARG A 118 -5.23 -6.63 -5.46
CA ARG A 118 -4.78 -8.03 -5.42
C ARG A 118 -3.46 -8.13 -6.22
N PRO A 119 -2.60 -9.09 -5.87
CA PRO A 119 -1.26 -9.15 -6.47
C PRO A 119 -1.22 -9.80 -7.86
N GLU A 134 -0.89 -0.79 -5.28
CA GLU A 134 0.16 -1.34 -4.42
C GLU A 134 -0.30 -2.53 -3.58
N GLN A 135 0.68 -3.23 -3.01
CA GLN A 135 0.42 -4.30 -2.05
C GLN A 135 -0.22 -3.75 -0.78
N LEU A 136 -0.97 -4.61 -0.14
CA LEU A 136 -1.43 -4.36 1.20
C LEU A 136 -0.65 -5.25 2.14
N SER A 137 0.12 -4.63 3.03
CA SER A 137 0.83 -5.36 4.07
C SER A 137 -0.21 -6.10 4.92
N SER A 138 0.20 -7.20 5.54
CA SER A 138 -0.66 -7.90 6.50
C SER A 138 -1.28 -6.90 7.49
N LYS A 139 -0.48 -5.90 7.88
CA LYS A 139 -0.93 -4.81 8.75
C LYS A 139 -2.12 -4.04 8.17
N ASP A 140 -2.02 -3.64 6.91
CA ASP A 140 -3.11 -2.90 6.20
C ASP A 140 -4.48 -3.56 6.34
N LEU A 141 -4.53 -4.87 6.16
CA LEU A 141 -5.78 -5.65 6.26
C LEU A 141 -6.35 -5.65 7.66
N VAL A 142 -5.49 -5.85 8.64
CA VAL A 142 -5.92 -5.91 10.04
C VAL A 142 -6.30 -4.50 10.50
N SER A 143 -5.46 -3.53 10.15
CA SER A 143 -5.75 -2.10 10.34
C SER A 143 -7.13 -1.77 9.82
N CYS A 144 -7.37 -2.16 8.58
CA CYS A 144 -8.65 -1.98 7.90
C CYS A 144 -9.84 -2.60 8.66
N ALA A 145 -9.65 -3.79 9.21
CA ALA A 145 -10.68 -4.46 10.01
C ALA A 145 -10.96 -3.76 11.33
N TYR A 146 -9.90 -3.33 12.00
CA TYR A 146 -9.95 -2.51 13.23
C TYR A 146 -10.85 -1.30 13.05
N GLN A 147 -10.60 -0.55 11.99
CA GLN A 147 -11.34 0.68 11.69
C GLN A 147 -12.85 0.48 11.58
N VAL A 148 -13.25 -0.59 10.90
CA VAL A 148 -14.67 -0.94 10.78
C VAL A 148 -15.27 -1.30 12.15
N ALA A 149 -14.49 -2.00 12.96
CA ALA A 149 -14.91 -2.35 14.31
C ALA A 149 -15.09 -1.11 15.19
N ARG A 150 -14.19 -0.14 15.03
CA ARG A 150 -14.32 1.16 15.71
C ARG A 150 -15.61 1.88 15.32
N GLY A 151 -15.83 1.97 14.01
CA GLY A 151 -17.03 2.59 13.46
C GLY A 151 -18.31 1.96 13.96
N MET A 152 -18.32 0.62 13.98
CA MET A 152 -19.47 -0.14 14.51
C MET A 152 -19.66 0.00 16.04
N GLU A 153 -18.56 0.11 16.79
CA GLU A 153 -18.62 0.38 18.23
C GLU A 153 -19.36 1.70 18.50
N TYR A 154 -19.00 2.74 17.74
CA TYR A 154 -19.66 4.05 17.84
C TYR A 154 -21.16 3.91 17.58
N LEU A 155 -21.49 3.37 16.41
CA LEU A 155 -22.90 3.15 16.03
C LEU A 155 -23.65 2.32 17.07
N ALA A 156 -23.01 1.28 17.57
CA ALA A 156 -23.54 0.49 18.69
C ALA A 156 -23.75 1.34 19.96
N SER A 157 -22.76 2.18 20.29
CA SER A 157 -22.85 3.11 21.44
C SER A 157 -24.01 4.09 21.30
N LYS A 158 -24.38 4.41 20.06
CA LYS A 158 -25.54 5.25 19.76
C LYS A 158 -26.77 4.45 19.35
N LYS A 159 -26.88 3.24 19.87
CA LYS A 159 -28.06 2.36 19.71
C LYS A 159 -28.46 2.07 18.25
N CYS A 160 -27.49 2.14 17.34
CA CYS A 160 -27.74 2.04 15.89
C CYS A 160 -27.34 0.66 15.39
N ILE A 161 -28.33 -0.10 14.94
CA ILE A 161 -28.13 -1.42 14.36
C ILE A 161 -28.04 -1.24 12.84
N HIS A 162 -26.96 -1.76 12.25
CA HIS A 162 -26.72 -1.62 10.81
C HIS A 162 -27.70 -2.43 9.96
N ARG A 163 -27.81 -3.72 10.25
CA ARG A 163 -28.72 -4.67 9.54
C ARG A 163 -28.21 -5.24 8.20
N ASP A 164 -27.11 -4.71 7.68
CA ASP A 164 -26.54 -5.13 6.39
C ASP A 164 -25.07 -4.73 6.29
N LEU A 165 -24.32 -5.02 7.35
CA LEU A 165 -22.92 -4.72 7.37
C LEU A 165 -22.21 -5.65 6.40
N ALA A 166 -21.48 -5.06 5.46
CA ALA A 166 -20.73 -5.79 4.44
C ALA A 166 -19.71 -4.85 3.78
N ALA A 167 -18.66 -5.43 3.21
CA ALA A 167 -17.62 -4.67 2.48
C ALA A 167 -18.21 -3.75 1.40
N ARG A 168 -19.32 -4.19 0.81
CA ARG A 168 -20.08 -3.40 -0.17
C ARG A 168 -20.55 -2.05 0.41
N ASN A 169 -20.90 -2.07 1.69
CA ASN A 169 -21.33 -0.88 2.45
C ASN A 169 -20.27 -0.35 3.42
N VAL A 170 -18.99 -0.51 3.05
CA VAL A 170 -17.89 0.20 3.69
C VAL A 170 -17.13 0.94 2.61
N LEU A 171 -17.06 2.26 2.74
CA LEU A 171 -16.37 3.10 1.77
C LEU A 171 -14.98 3.44 2.27
N VAL A 172 -14.14 3.85 1.32
CA VAL A 172 -12.71 4.06 1.56
C VAL A 172 -12.27 5.40 0.98
N THR A 173 -11.61 6.22 1.80
CA THR A 173 -11.23 7.58 1.42
C THR A 173 -9.86 7.64 0.76
N GLU A 174 -9.53 8.82 0.24
CA GLU A 174 -8.18 9.11 -0.28
C GLU A 174 -7.07 8.77 0.71
N ASP A 175 -7.34 9.03 1.99
CA ASP A 175 -6.42 8.73 3.10
C ASP A 175 -6.54 7.29 3.63
N ASN A 176 -7.26 6.45 2.89
CA ASN A 176 -7.46 5.03 3.21
C ASN A 176 -8.13 4.79 4.56
N VAL A 177 -9.07 5.68 4.90
CA VAL A 177 -9.88 5.56 6.11
C VAL A 177 -11.17 4.86 5.73
N MET A 178 -11.54 3.85 6.52
CA MET A 178 -12.76 3.09 6.30
C MET A 178 -13.93 3.84 6.88
N LYS A 179 -14.98 4.01 6.08
CA LYS A 179 -16.20 4.70 6.50
C LYS A 179 -17.41 3.82 6.23
N ILE A 180 -18.09 3.41 7.30
CA ILE A 180 -19.32 2.62 7.19
C ILE A 180 -20.44 3.48 6.61
N ALA A 181 -21.24 2.85 5.77
CA ALA A 181 -22.37 3.49 5.09
C ALA A 181 -23.62 2.65 5.23
N ASP A 182 -24.75 3.27 4.91
CA ASP A 182 -26.08 2.66 4.97
C ASP A 182 -26.45 2.07 6.32
N PHE A 183 -25.79 2.56 7.40
CA PHE A 183 -26.21 2.10 8.71
C PHE A 183 -27.49 2.74 9.16
N GLY A 184 -28.46 1.93 9.55
CA GLY A 184 -29.73 2.45 10.01
C GLY A 184 -30.48 2.12 8.75
N LEU A 185 -30.98 3.14 8.05
CA LEU A 185 -31.69 2.91 6.78
C LEU A 185 -32.79 1.87 7.02
N ALA A 186 -33.89 2.32 7.62
CA ALA A 186 -34.96 1.44 8.03
C ALA A 186 -35.74 0.81 6.88
N ARG A 187 -36.63 -0.12 7.22
CA ARG A 187 -37.48 -0.87 6.29
C ARG A 187 -38.22 -1.92 7.08
N ASP A 188 -39.36 -2.39 6.56
CA ASP A 188 -40.15 -3.43 7.23
C ASP A 188 -41.40 -3.82 6.46
N HIS A 191 -41.04 -8.38 5.48
CA HIS A 191 -40.31 -9.58 5.04
C HIS A 191 -39.69 -9.35 3.66
N ILE A 192 -38.46 -8.83 3.65
CA ILE A 192 -37.65 -8.68 2.43
C ILE A 192 -37.48 -10.02 1.70
N ASP A 193 -37.38 -9.97 0.38
CA ASP A 193 -37.14 -11.14 -0.44
C ASP A 193 -35.67 -11.58 -0.32
N TYR A 194 -35.45 -12.85 0.04
CA TYR A 194 -34.08 -13.38 0.19
C TYR A 194 -33.47 -13.72 -1.17
N TYR A 195 -34.36 -14.09 -2.10
CA TYR A 195 -33.99 -14.67 -3.40
C TYR A 195 -33.54 -13.59 -4.39
N LYS A 196 -34.13 -12.40 -4.25
CA LYS A 196 -33.79 -11.27 -5.11
C LYS A 196 -32.42 -10.70 -4.77
N LYS A 197 -31.61 -10.55 -5.81
CA LYS A 197 -30.20 -10.18 -5.72
C LYS A 197 -29.95 -8.69 -5.86
N THR A 198 -28.74 -8.26 -5.50
CA THR A 198 -28.22 -6.97 -5.94
C THR A 198 -27.95 -7.15 -7.43
N THR A 199 -28.61 -6.34 -8.27
CA THR A 199 -28.41 -6.41 -9.73
C THR A 199 -26.96 -6.21 -10.19
N ASN A 200 -26.12 -5.62 -9.34
CA ASN A 200 -24.66 -5.59 -9.53
C ASN A 200 -23.96 -6.95 -9.42
N GLY A 201 -24.57 -7.90 -8.70
CA GLY A 201 -24.09 -9.30 -8.61
C GLY A 201 -23.74 -9.73 -7.20
N ARG A 202 -24.76 -9.74 -6.34
CA ARG A 202 -24.60 -10.10 -4.91
C ARG A 202 -25.91 -10.59 -4.25
N LEU A 203 -25.82 -11.66 -3.45
CA LEU A 203 -26.94 -12.20 -2.66
C LEU A 203 -26.86 -11.80 -1.17
N PRO A 204 -27.66 -10.79 -0.77
CA PRO A 204 -27.45 -10.12 0.52
C PRO A 204 -27.69 -10.98 1.78
N VAL A 205 -28.47 -12.05 1.66
CA VAL A 205 -28.76 -12.97 2.79
C VAL A 205 -27.53 -13.67 3.41
N LYS A 206 -26.47 -13.85 2.62
CA LYS A 206 -25.22 -14.50 3.09
C LYS A 206 -24.44 -13.78 4.20
N TRP A 207 -24.79 -12.53 4.47
CA TRP A 207 -24.25 -11.76 5.59
C TRP A 207 -25.13 -11.84 6.85
N MET A 208 -26.35 -12.35 6.69
CA MET A 208 -27.32 -12.38 7.79
C MET A 208 -27.06 -13.50 8.79
N ALA A 209 -27.12 -13.17 10.07
CA ALA A 209 -27.08 -14.14 11.16
C ALA A 209 -28.34 -15.02 11.11
N PRO A 210 -28.25 -16.28 11.59
CA PRO A 210 -29.40 -17.18 11.54
C PRO A 210 -30.65 -16.62 12.19
N GLU A 211 -30.51 -16.05 13.39
CA GLU A 211 -31.67 -15.45 14.10
C GLU A 211 -32.33 -14.32 13.29
N ALA A 212 -31.51 -13.52 12.64
CA ALA A 212 -31.99 -12.46 11.74
C ALA A 212 -32.63 -13.05 10.49
N LEU A 213 -31.95 -14.04 9.91
CA LEU A 213 -32.40 -14.72 8.67
C LEU A 213 -33.73 -15.44 8.86
N PHE A 214 -33.79 -16.30 9.87
CA PHE A 214 -34.97 -17.12 10.14
C PHE A 214 -36.07 -16.39 10.93
N ASP A 215 -35.70 -15.83 12.08
CA ASP A 215 -36.66 -15.25 13.05
C ASP A 215 -36.93 -13.74 12.91
N ARG A 216 -36.26 -13.07 11.97
CA ARG A 216 -36.38 -11.60 11.78
C ARG A 216 -35.96 -10.76 13.00
N ILE A 217 -35.02 -11.29 13.78
CA ILE A 217 -34.56 -10.67 15.03
C ILE A 217 -33.18 -10.06 14.78
N TYR A 218 -33.16 -8.74 14.57
CA TYR A 218 -31.93 -7.98 14.38
C TYR A 218 -31.46 -7.34 15.68
N THR A 219 -30.19 -7.52 15.99
CA THR A 219 -29.54 -6.99 17.19
C THR A 219 -28.11 -6.56 16.85
N HIS A 220 -27.43 -5.95 17.82
CA HIS A 220 -26.00 -5.66 17.70
C HIS A 220 -25.17 -6.94 17.58
N GLN A 221 -25.66 -8.03 18.14
CA GLN A 221 -25.06 -9.34 17.99
C GLN A 221 -25.18 -9.87 16.55
N SER A 222 -26.33 -9.68 15.93
CA SER A 222 -26.52 -10.06 14.52
C SER A 222 -25.60 -9.27 13.57
N ASP A 223 -25.32 -8.02 13.92
CA ASP A 223 -24.32 -7.22 13.21
C ASP A 223 -22.92 -7.83 13.33
N VAL A 224 -22.60 -8.32 14.52
CA VAL A 224 -21.29 -8.95 14.77
C VAL A 224 -21.10 -10.20 13.89
N TRP A 225 -22.17 -10.97 13.71
CA TRP A 225 -22.16 -12.10 12.75
C TRP A 225 -21.73 -11.62 11.39
N SER A 226 -22.39 -10.55 10.92
CA SER A 226 -22.06 -9.92 9.65
C SER A 226 -20.62 -9.44 9.61
N PHE A 227 -20.15 -8.84 10.72
CA PHE A 227 -18.75 -8.44 10.83
C PHE A 227 -17.78 -9.63 10.67
N GLY A 228 -18.19 -10.78 11.18
CA GLY A 228 -17.49 -12.04 10.91
C GLY A 228 -17.32 -12.29 9.42
N VAL A 229 -18.42 -12.14 8.68
CA VAL A 229 -18.42 -12.31 7.22
C VAL A 229 -17.58 -11.23 6.54
N LEU A 230 -17.68 -10.00 7.04
CA LEU A 230 -16.85 -8.88 6.56
C LEU A 230 -15.35 -9.13 6.76
N LEU A 231 -14.98 -9.76 7.87
CA LEU A 231 -13.57 -10.14 8.10
C LEU A 231 -13.11 -11.13 7.05
N TRP A 232 -13.93 -12.14 6.80
CA TRP A 232 -13.68 -13.12 5.74
C TRP A 232 -13.52 -12.44 4.38
N GLU A 233 -14.40 -11.48 4.09
CA GLU A 233 -14.27 -10.63 2.88
C GLU A 233 -12.91 -9.93 2.78
N ILE A 234 -12.46 -9.35 3.89
CA ILE A 234 -11.16 -8.65 3.95
C ILE A 234 -9.99 -9.57 3.61
N PHE A 235 -9.88 -10.67 4.34
CA PHE A 235 -8.75 -11.61 4.21
C PHE A 235 -8.83 -12.57 3.01
N THR A 236 -9.94 -12.50 2.27
CA THR A 236 -10.02 -13.07 0.91
C THR A 236 -9.96 -11.99 -0.18
N LEU A 237 -9.43 -10.82 0.17
CA LEU A 237 -9.28 -9.66 -0.74
C LEU A 237 -10.50 -9.41 -1.66
N GLY A 238 -11.67 -9.43 -1.04
CA GLY A 238 -12.95 -9.21 -1.73
C GLY A 238 -13.61 -10.47 -2.26
N GLY A 239 -13.36 -11.57 -1.58
CA GLY A 239 -13.91 -12.85 -1.97
C GLY A 239 -15.41 -12.91 -1.72
N SER A 240 -16.10 -13.65 -2.57
CA SER A 240 -17.55 -13.79 -2.46
C SER A 240 -17.85 -14.95 -1.51
N PRO A 241 -18.57 -14.69 -0.40
CA PRO A 241 -18.85 -15.75 0.56
C PRO A 241 -19.90 -16.72 0.06
N TYR A 242 -19.75 -17.98 0.43
CA TYR A 242 -20.61 -19.09 -0.02
C TYR A 242 -20.81 -19.09 -1.55
N PRO A 243 -19.70 -19.14 -2.32
CA PRO A 243 -19.82 -19.00 -3.78
C PRO A 243 -20.56 -20.18 -4.41
N GLY A 244 -21.54 -19.85 -5.24
CA GLY A 244 -22.36 -20.87 -5.91
C GLY A 244 -23.42 -21.54 -5.05
N VAL A 245 -23.63 -21.03 -3.84
CA VAL A 245 -24.64 -21.56 -2.93
C VAL A 245 -25.91 -20.75 -3.10
N PRO A 246 -27.01 -21.38 -3.57
CA PRO A 246 -28.27 -20.67 -3.64
C PRO A 246 -28.91 -20.56 -2.26
N VAL A 247 -30.03 -19.86 -2.20
CA VAL A 247 -30.68 -19.50 -0.93
C VAL A 247 -31.07 -20.77 -0.16
N GLU A 248 -31.87 -21.63 -0.80
CA GLU A 248 -32.34 -22.90 -0.19
C GLU A 248 -31.23 -23.73 0.46
N GLU A 249 -30.09 -23.82 -0.24
CA GLU A 249 -28.91 -24.54 0.26
C GLU A 249 -28.27 -23.85 1.46
N LEU A 250 -28.15 -22.52 1.41
CA LEU A 250 -27.62 -21.72 2.54
C LEU A 250 -28.37 -21.96 3.85
N PHE A 251 -29.69 -22.08 3.75
CA PHE A 251 -30.55 -22.36 4.90
C PHE A 251 -30.09 -23.66 5.53
N LYS A 252 -29.97 -24.69 4.71
CA LYS A 252 -29.54 -26.03 5.15
C LYS A 252 -28.19 -25.98 5.86
N LEU A 253 -27.24 -25.29 5.24
CA LEU A 253 -25.89 -25.13 5.79
C LEU A 253 -25.88 -24.49 7.18
N LEU A 254 -26.53 -23.33 7.29
CA LEU A 254 -26.62 -22.61 8.56
C LEU A 254 -27.30 -23.45 9.64
N LYS A 255 -28.36 -24.16 9.26
CA LYS A 255 -29.05 -25.10 10.15
C LYS A 255 -28.08 -26.19 10.65
N GLU A 256 -27.29 -26.77 9.75
CA GLU A 256 -26.29 -27.79 10.07
C GLU A 256 -25.02 -27.31 10.83
N GLY A 257 -24.96 -26.03 11.18
CA GLY A 257 -23.82 -25.46 11.91
C GLY A 257 -22.56 -25.32 11.06
N HIS A 258 -22.74 -25.23 9.74
CA HIS A 258 -21.63 -25.10 8.80
C HIS A 258 -21.07 -23.69 8.90
N ARG A 259 -19.75 -23.60 8.83
CA ARG A 259 -19.04 -22.33 8.87
C ARG A 259 -17.95 -22.34 7.79
N MET A 260 -17.71 -21.17 7.20
CA MET A 260 -16.77 -21.03 6.10
C MET A 260 -15.34 -21.38 6.51
N ASP A 261 -14.56 -21.84 5.52
CA ASP A 261 -13.16 -22.20 5.74
C ASP A 261 -12.32 -20.96 5.94
N LYS A 262 -11.19 -21.14 6.62
CA LYS A 262 -10.20 -20.07 6.80
C LYS A 262 -9.68 -19.62 5.44
N PRO A 263 -9.54 -18.30 5.25
CA PRO A 263 -8.87 -17.84 4.05
C PRO A 263 -7.41 -18.26 3.99
N SER A 264 -6.87 -18.23 2.79
CA SER A 264 -5.46 -18.53 2.56
C SER A 264 -4.56 -17.59 3.38
N ASN A 265 -4.62 -16.28 3.07
CA ASN A 265 -3.87 -15.26 3.82
C ASN A 265 -4.69 -14.74 5.03
N CYS A 266 -4.61 -15.49 6.12
CA CYS A 266 -5.38 -15.21 7.34
C CYS A 266 -4.87 -16.10 8.48
N THR A 267 -4.44 -15.49 9.59
CA THR A 267 -3.87 -16.22 10.73
C THR A 267 -4.93 -17.05 11.46
N ASN A 268 -4.47 -17.97 12.29
CA ASN A 268 -5.39 -18.79 13.11
C ASN A 268 -6.11 -17.94 14.15
N GLU A 269 -5.41 -16.97 14.71
CA GLU A 269 -6.01 -16.00 15.67
C GLU A 269 -7.19 -15.22 15.05
N LEU A 270 -6.99 -14.74 13.83
CA LEU A 270 -8.06 -14.04 13.09
C LEU A 270 -9.20 -14.95 12.67
N TYR A 271 -8.89 -16.17 12.26
CA TYR A 271 -9.94 -17.16 11.93
C TYR A 271 -10.78 -17.50 13.17
N MET A 272 -10.12 -17.59 14.33
CA MET A 272 -10.85 -17.80 15.58
C MET A 272 -11.81 -16.65 15.87
N MET A 273 -11.39 -15.42 15.56
CA MET A 273 -12.25 -14.24 15.66
C MET A 273 -13.50 -14.36 14.76
N MET A 274 -13.30 -14.78 13.52
CA MET A 274 -14.42 -15.08 12.61
C MET A 274 -15.39 -16.07 13.22
N ARG A 275 -14.83 -17.15 13.75
CA ARG A 275 -15.63 -18.22 14.33
C ARG A 275 -16.39 -17.73 15.56
N ASP A 276 -15.71 -16.95 16.40
CA ASP A 276 -16.35 -16.31 17.56
C ASP A 276 -17.54 -15.45 17.12
N CYS A 277 -17.36 -14.64 16.09
CA CYS A 277 -18.46 -13.86 15.49
C CYS A 277 -19.59 -14.73 14.96
N TRP A 278 -19.25 -15.89 14.42
CA TRP A 278 -20.25 -16.87 13.94
C TRP A 278 -20.72 -17.90 14.99
N HIS A 279 -20.77 -17.50 16.25
CA HIS A 279 -21.24 -18.38 17.33
C HIS A 279 -22.75 -18.50 17.21
N ALA A 280 -23.23 -19.75 17.23
CA ALA A 280 -24.66 -20.05 17.02
C ALA A 280 -25.55 -19.28 18.01
N VAL A 281 -25.16 -19.33 19.27
CA VAL A 281 -25.80 -18.53 20.34
C VAL A 281 -25.36 -17.05 20.28
N PRO A 282 -26.31 -16.11 19.99
CA PRO A 282 -26.00 -14.67 19.88
C PRO A 282 -25.26 -14.03 21.06
N SER A 283 -25.73 -14.32 22.27
CA SER A 283 -25.14 -13.76 23.50
C SER A 283 -23.69 -14.16 23.78
N GLN A 284 -23.27 -15.27 23.16
CA GLN A 284 -21.88 -15.74 23.27
C GLN A 284 -20.91 -15.12 22.30
N ARG A 285 -21.44 -14.41 21.30
CA ARG A 285 -20.58 -13.69 20.36
C ARG A 285 -19.95 -12.49 21.10
N PRO A 286 -18.73 -12.09 20.69
CA PRO A 286 -18.13 -10.92 21.31
C PRO A 286 -18.81 -9.63 20.84
N THR A 287 -18.67 -8.60 21.64
CA THR A 287 -19.21 -7.29 21.30
C THR A 287 -18.18 -6.55 20.48
N PHE A 288 -18.63 -5.54 19.75
CA PHE A 288 -17.71 -4.67 18.99
C PHE A 288 -16.65 -4.08 19.91
N LYS A 289 -17.08 -3.62 21.08
CA LYS A 289 -16.18 -3.16 22.15
C LYS A 289 -14.96 -4.08 22.29
N GLN A 290 -15.23 -5.37 22.52
CA GLN A 290 -14.18 -6.39 22.65
C GLN A 290 -13.37 -6.54 21.35
N LEU A 291 -14.07 -6.67 20.24
CA LEU A 291 -13.44 -6.81 18.91
C LEU A 291 -12.45 -5.70 18.62
N VAL A 292 -12.82 -4.48 19.00
CA VAL A 292 -11.92 -3.32 18.85
C VAL A 292 -10.63 -3.53 19.64
N GLU A 293 -10.76 -3.94 20.90
CA GLU A 293 -9.60 -4.17 21.79
C GLU A 293 -8.66 -5.25 21.27
N ASP A 294 -9.24 -6.36 20.81
CA ASP A 294 -8.47 -7.48 20.29
C ASP A 294 -7.74 -7.09 19.01
N LEU A 295 -8.49 -6.52 18.10
CA LEU A 295 -7.94 -5.99 16.84
C LEU A 295 -6.85 -4.93 17.11
N ASP A 296 -7.08 -4.04 18.06
CA ASP A 296 -6.08 -3.06 18.50
C ASP A 296 -4.72 -3.73 18.76
N ARG A 297 -4.73 -4.73 19.64
CA ARG A 297 -3.54 -5.49 20.03
C ARG A 297 -2.90 -6.22 18.85
N ILE A 298 -3.74 -6.80 17.99
CA ILE A 298 -3.26 -7.58 16.84
C ILE A 298 -2.58 -6.70 15.77
N VAL A 299 -3.15 -5.52 15.52
CA VAL A 299 -2.54 -4.54 14.60
C VAL A 299 -1.12 -4.19 15.07
N ALA A 300 -0.98 -3.96 16.38
CA ALA A 300 0.31 -3.64 17.00
C ALA A 300 1.46 -4.61 16.64
N LEU A 301 1.13 -5.90 16.60
CA LEU A 301 2.08 -6.95 16.15
C LEU A 301 1.78 -7.51 14.75
N THR A 302 2.04 -6.71 13.72
CA THR A 302 1.83 -7.13 12.31
C THR A 302 2.66 -6.28 11.36
N SER A 303 3.35 -6.95 10.42
CA SER A 303 4.18 -6.30 9.40
C SER A 303 3.37 -5.50 8.39
N SER B 1 -0.72 15.84 -18.98
CA SER B 1 -0.64 17.11 -18.17
C SER B 1 0.78 17.71 -18.10
N SER B 2 1.76 16.84 -17.87
CA SER B 2 3.18 17.20 -17.93
C SER B 2 3.74 17.38 -19.36
N GLU B 3 2.93 17.06 -20.37
CA GLU B 3 3.17 17.37 -21.80
C GLU B 3 3.87 18.73 -22.04
N TYR B 4 3.21 19.83 -21.64
CA TYR B 4 3.74 21.20 -21.82
C TYR B 4 4.33 21.79 -20.55
N GLU B 5 3.90 21.29 -19.39
CA GLU B 5 4.27 21.88 -18.11
C GLU B 5 4.26 20.86 -16.96
N LEU B 6 5.42 20.63 -16.36
CA LEU B 6 5.54 19.84 -15.12
C LEU B 6 5.11 20.68 -13.91
N PRO B 7 4.34 20.08 -12.97
CA PRO B 7 4.07 20.72 -11.67
C PRO B 7 5.33 21.07 -10.87
N GLU B 8 5.31 22.26 -10.24
CA GLU B 8 6.45 22.74 -9.45
C GLU B 8 6.40 22.33 -7.97
N ASP B 9 7.58 22.09 -7.42
CA ASP B 9 7.78 21.87 -6.00
C ASP B 9 8.98 22.72 -5.56
N PRO B 10 8.72 23.94 -5.04
CA PRO B 10 9.79 24.89 -4.63
C PRO B 10 10.80 24.38 -3.58
N ARG B 11 10.44 23.34 -2.84
CA ARG B 11 11.33 22.73 -1.84
C ARG B 11 12.59 22.17 -2.51
N TRP B 12 12.39 21.33 -3.52
CA TRP B 12 13.47 20.66 -4.26
C TRP B 12 13.95 21.45 -5.47
N GLU B 13 13.12 22.38 -5.96
CA GLU B 13 13.42 23.13 -7.18
C GLU B 13 14.75 23.88 -7.10
N LEU B 14 15.53 23.78 -8.17
CA LEU B 14 16.84 24.42 -8.29
C LEU B 14 16.89 25.17 -9.63
N PRO B 15 17.39 26.43 -9.61
CA PRO B 15 17.61 27.13 -10.87
C PRO B 15 18.67 26.45 -11.74
N ARG B 16 18.41 26.43 -13.05
CA ARG B 16 19.30 25.82 -14.05
C ARG B 16 20.64 26.56 -14.14
N ASP B 17 20.60 27.88 -13.93
CA ASP B 17 21.83 28.71 -13.85
C ASP B 17 22.79 28.35 -12.70
N ARG B 18 22.31 27.58 -11.73
CA ARG B 18 23.14 27.04 -10.63
C ARG B 18 23.51 25.55 -10.83
N LEU B 19 23.51 25.08 -12.08
CA LEU B 19 23.81 23.67 -12.40
C LEU B 19 24.64 23.50 -13.69
N VAL B 20 25.94 23.32 -13.50
CA VAL B 20 26.87 23.12 -14.61
C VAL B 20 26.97 21.62 -14.90
N LEU B 21 26.45 21.19 -16.05
CA LEU B 21 26.56 19.78 -16.46
C LEU B 21 27.95 19.39 -16.92
N GLY B 22 28.21 18.08 -16.93
CA GLY B 22 29.50 17.50 -17.28
C GLY B 22 29.41 16.19 -18.03
N LYS B 23 30.48 15.41 -17.96
CA LYS B 23 30.60 14.15 -18.71
C LYS B 23 29.58 13.09 -18.24
N PRO B 24 29.20 12.15 -19.13
CA PRO B 24 28.25 11.08 -18.73
C PRO B 24 28.84 10.06 -17.76
N LEU B 25 27.96 9.29 -17.11
CA LEU B 25 28.35 8.28 -16.11
C LEU B 25 27.85 6.89 -16.46
N GLY B 26 28.71 5.89 -16.23
CA GLY B 26 28.49 4.50 -16.59
C GLY B 26 28.38 4.38 -18.09
N GLU B 27 27.36 3.65 -18.53
CA GLU B 27 26.93 3.68 -19.93
C GLU B 27 25.50 3.18 -20.01
N GLY B 28 24.56 4.02 -19.59
CA GLY B 28 23.14 3.68 -19.65
C GLY B 28 22.64 2.62 -18.67
N ALA B 29 23.53 2.09 -17.83
CA ALA B 29 23.18 1.13 -16.76
C ALA B 29 22.11 1.70 -15.81
N PHE B 30 22.10 3.02 -15.65
CA PHE B 30 21.09 3.78 -14.90
C PHE B 30 20.27 4.75 -15.76
N GLY B 31 20.25 4.53 -17.07
CA GLY B 31 19.73 5.52 -18.02
C GLY B 31 20.75 6.62 -18.29
N GLN B 32 20.28 7.71 -18.89
CA GLN B 32 21.14 8.82 -19.25
C GLN B 32 21.45 9.66 -18.02
N VAL B 33 22.55 9.30 -17.35
CA VAL B 33 23.05 10.00 -16.16
C VAL B 33 24.34 10.72 -16.53
N VAL B 34 24.54 11.89 -15.95
CA VAL B 34 25.76 12.69 -16.13
C VAL B 34 26.34 13.21 -14.81
N LEU B 35 27.66 13.39 -14.81
CA LEU B 35 28.33 14.13 -13.75
C LEU B 35 27.94 15.60 -13.91
N ALA B 36 27.85 16.30 -12.79
CA ALA B 36 27.50 17.72 -12.80
C ALA B 36 28.00 18.42 -11.56
N GLU B 37 27.96 19.75 -11.62
CA GLU B 37 28.40 20.61 -10.54
C GLU B 37 27.28 21.58 -10.19
N ALA B 38 26.71 21.38 -9.00
CA ALA B 38 25.63 22.21 -8.49
C ALA B 38 26.20 23.29 -7.60
N ILE B 39 25.96 24.55 -7.98
CA ILE B 39 26.40 25.70 -7.20
C ILE B 39 25.37 25.96 -6.08
N GLY B 40 25.73 25.55 -4.86
CA GLY B 40 24.98 25.94 -3.65
C GLY B 40 23.63 25.27 -3.45
N LEU B 41 23.66 23.99 -3.13
CA LEU B 41 22.45 23.23 -2.80
C LEU B 41 21.83 23.70 -1.47
N ASP B 42 22.67 23.75 -0.42
CA ASP B 42 22.26 24.26 0.91
C ASP B 42 22.38 25.78 1.02
N LYS B 43 21.37 26.43 1.63
CA LYS B 43 21.30 27.90 1.76
C LYS B 43 22.39 28.54 2.65
N ASP B 44 22.77 27.84 3.72
CA ASP B 44 23.84 28.29 4.62
C ASP B 44 25.16 28.56 3.89
N LYS B 45 25.46 27.71 2.90
CA LYS B 45 26.63 27.84 2.03
C LYS B 45 26.22 27.83 0.54
N PRO B 46 25.75 28.98 0.01
CA PRO B 46 25.24 29.08 -1.36
C PRO B 46 26.30 29.28 -2.46
N ASN B 47 27.57 29.46 -2.08
CA ASN B 47 28.68 29.61 -3.02
C ASN B 47 29.51 28.35 -3.27
N ARG B 48 29.13 27.24 -2.64
CA ARG B 48 29.91 25.98 -2.74
C ARG B 48 29.46 25.12 -3.92
N VAL B 49 30.41 24.69 -4.75
CA VAL B 49 30.13 23.69 -5.79
C VAL B 49 30.10 22.32 -5.11
N THR B 50 29.08 21.53 -5.47
CA THR B 50 28.95 20.15 -5.03
C THR B 50 28.91 19.25 -6.26
N LYS B 51 29.75 18.22 -6.26
CA LYS B 51 29.73 17.19 -7.32
C LYS B 51 28.48 16.32 -7.15
N VAL B 52 27.67 16.26 -8.19
CA VAL B 52 26.38 15.57 -8.18
C VAL B 52 26.16 14.71 -9.44
N ALA B 53 25.25 13.75 -9.32
CA ALA B 53 24.77 12.99 -10.47
C ALA B 53 23.41 13.53 -10.89
N VAL B 54 23.17 13.54 -12.19
CA VAL B 54 21.98 14.14 -12.79
C VAL B 54 21.40 13.19 -13.84
N LYS B 55 20.28 12.57 -13.50
CA LYS B 55 19.53 11.76 -14.46
C LYS B 55 18.61 12.67 -15.27
N MET B 56 18.42 12.30 -16.52
CA MET B 56 17.50 12.98 -17.43
C MET B 56 16.96 12.01 -18.48
N LEU B 57 15.94 12.45 -19.20
CA LEU B 57 15.39 11.66 -20.31
C LEU B 57 16.33 11.66 -21.50
N LYS B 58 16.31 10.58 -22.26
CA LYS B 58 16.99 10.55 -23.55
C LYS B 58 16.11 11.32 -24.56
N SER B 59 16.73 11.82 -25.63
CA SER B 59 16.02 12.54 -26.70
C SER B 59 14.79 11.79 -27.25
N ASP B 60 14.95 10.48 -27.45
CA ASP B 60 13.88 9.63 -28.04
C ASP B 60 12.77 9.21 -27.05
N ALA B 61 12.74 9.83 -25.88
CA ALA B 61 11.79 9.47 -24.82
C ALA B 61 10.35 9.89 -25.13
N THR B 62 9.42 9.12 -24.60
CA THR B 62 7.98 9.33 -24.77
C THR B 62 7.37 10.03 -23.55
N GLU B 63 6.10 10.40 -23.68
CA GLU B 63 5.30 10.92 -22.55
C GLU B 63 5.30 9.97 -21.35
N LYS B 64 5.26 8.66 -21.63
CA LYS B 64 5.28 7.65 -20.57
C LYS B 64 6.63 7.58 -19.85
N ASP B 65 7.73 7.68 -20.60
CA ASP B 65 9.08 7.75 -19.99
C ASP B 65 9.24 8.92 -19.03
N LEU B 66 8.64 10.05 -19.38
CA LEU B 66 8.60 11.21 -18.49
C LEU B 66 7.77 10.93 -17.26
N SER B 67 6.60 10.31 -17.46
CA SER B 67 5.74 9.88 -16.36
C SER B 67 6.52 9.02 -15.36
N ASP B 68 7.25 8.05 -15.90
CA ASP B 68 8.07 7.13 -15.10
C ASP B 68 9.17 7.85 -14.29
N LEU B 69 9.89 8.77 -14.94
CA LEU B 69 10.96 9.53 -14.27
C LEU B 69 10.44 10.46 -13.16
N ILE B 70 9.22 10.97 -13.30
CA ILE B 70 8.59 11.80 -12.26
C ILE B 70 8.23 10.93 -11.05
N SER B 71 7.64 9.76 -11.29
CA SER B 71 7.34 8.77 -10.25
C SER B 71 8.57 8.39 -9.42
N GLU B 72 9.67 8.20 -10.12
CA GLU B 72 10.98 7.95 -9.50
C GLU B 72 11.40 9.09 -8.57
N MET B 73 11.26 10.31 -9.05
CA MET B 73 11.55 11.53 -8.28
C MET B 73 10.68 11.62 -7.03
N GLU B 74 9.37 11.41 -7.20
CA GLU B 74 8.40 11.45 -6.10
C GLU B 74 8.61 10.32 -5.07
N MET B 75 8.90 9.12 -5.56
CA MET B 75 9.29 7.95 -4.75
C MET B 75 10.40 8.34 -3.77
N MET B 76 11.44 8.99 -4.30
CA MET B 76 12.58 9.43 -3.50
C MET B 76 12.18 10.45 -2.44
N LYS B 77 11.33 11.38 -2.84
CA LYS B 77 10.79 12.40 -1.91
C LYS B 77 10.08 11.75 -0.70
N MET B 78 9.23 10.75 -1.00
CA MET B 78 8.45 10.02 0.00
C MET B 78 9.33 9.20 0.96
N ILE B 79 10.21 8.39 0.37
CA ILE B 79 11.09 7.48 1.10
C ILE B 79 12.00 8.21 2.11
N GLY B 80 12.53 9.36 1.73
CA GLY B 80 13.32 10.20 2.64
C GLY B 80 14.78 9.81 2.68
N LYS B 81 15.53 10.56 3.50
CA LYS B 81 16.99 10.45 3.54
C LYS B 81 17.48 9.30 4.41
N HIS B 82 18.52 8.62 3.90
CA HIS B 82 19.28 7.64 4.67
C HIS B 82 20.72 7.59 4.14
N LYS B 83 21.68 7.40 5.05
CA LYS B 83 23.12 7.38 4.71
C LYS B 83 23.42 6.35 3.60
N ASN B 84 22.81 5.18 3.76
CA ASN B 84 23.07 4.01 2.90
C ASN B 84 22.12 3.84 1.70
N ILE B 85 21.54 4.93 1.22
CA ILE B 85 20.82 4.95 -0.06
C ILE B 85 21.22 6.18 -0.85
N ILE B 86 21.01 6.13 -2.16
CA ILE B 86 21.17 7.29 -3.04
C ILE B 86 20.04 8.26 -2.72
N ASN B 87 20.39 9.42 -2.19
CA ASN B 87 19.41 10.45 -1.80
C ASN B 87 19.19 11.51 -2.87
N LEU B 88 17.94 11.95 -2.96
CA LEU B 88 17.57 13.07 -3.82
C LEU B 88 18.10 14.37 -3.21
N LEU B 89 18.75 15.17 -4.06
CA LEU B 89 19.31 16.47 -3.67
C LEU B 89 18.53 17.66 -4.20
N GLY B 90 17.97 17.50 -5.39
CA GLY B 90 17.14 18.54 -6.00
C GLY B 90 16.70 18.15 -7.40
N ALA B 91 16.08 19.10 -8.07
CA ALA B 91 15.58 18.90 -9.43
C ALA B 91 15.34 20.20 -10.18
N CYS B 92 15.42 20.11 -11.51
CA CYS B 92 15.07 21.19 -12.42
C CYS B 92 13.87 20.76 -13.26
N THR B 93 12.69 21.19 -12.83
CA THR B 93 11.41 20.80 -13.44
C THR B 93 10.83 21.81 -14.43
N GLN B 94 11.02 23.09 -14.14
CA GLN B 94 10.37 24.17 -14.87
C GLN B 94 11.24 24.75 -15.99
N ASP B 95 10.59 25.08 -17.10
CA ASP B 95 11.21 25.78 -18.25
C ASP B 95 12.42 25.04 -18.80
N GLY B 96 12.22 23.78 -19.14
CA GLY B 96 13.27 22.95 -19.73
C GLY B 96 13.14 21.49 -19.40
N PRO B 97 14.11 20.67 -19.84
CA PRO B 97 14.04 19.24 -19.58
C PRO B 97 14.21 18.92 -18.10
N LEU B 98 13.58 17.82 -17.70
CA LEU B 98 13.59 17.39 -16.32
C LEU B 98 14.95 16.84 -15.94
N TYR B 99 15.56 17.46 -14.94
CA TYR B 99 16.78 16.95 -14.32
C TYR B 99 16.48 16.54 -12.88
N VAL B 100 16.88 15.32 -12.52
CA VAL B 100 16.74 14.79 -11.15
C VAL B 100 18.15 14.69 -10.56
N ILE B 101 18.41 15.50 -9.56
CA ILE B 101 19.76 15.67 -9.01
C ILE B 101 19.91 14.81 -7.76
N VAL B 102 20.89 13.90 -7.78
CA VAL B 102 21.13 12.99 -6.67
C VAL B 102 22.58 13.02 -6.21
N GLU B 103 22.81 12.44 -5.03
CA GLU B 103 24.15 12.31 -4.43
C GLU B 103 25.11 11.59 -5.36
N TYR B 104 26.30 12.17 -5.56
CA TYR B 104 27.34 11.56 -6.41
C TYR B 104 28.15 10.49 -5.64
N ALA B 105 28.47 9.39 -6.31
CA ALA B 105 29.23 8.25 -5.75
C ALA B 105 30.51 7.97 -6.53
N SER B 106 31.56 8.73 -6.22
CA SER B 106 32.78 8.82 -7.04
C SER B 106 33.44 7.49 -7.48
N LYS B 107 33.45 6.51 -6.59
CA LYS B 107 34.16 5.23 -6.82
C LYS B 107 33.35 4.11 -7.49
N GLY B 108 32.35 4.50 -8.30
CA GLY B 108 31.60 3.54 -9.11
C GLY B 108 30.69 2.63 -8.32
N ASN B 109 30.25 1.56 -8.96
CA ASN B 109 29.43 0.53 -8.32
C ASN B 109 30.26 -0.50 -7.55
N LEU B 110 29.57 -1.30 -6.75
CA LEU B 110 30.22 -2.26 -5.85
C LEU B 110 30.98 -3.38 -6.57
N ARG B 111 30.41 -3.88 -7.66
CA ARG B 111 31.04 -4.94 -8.49
C ARG B 111 32.44 -4.48 -8.94
N GLU B 112 32.47 -3.32 -9.62
CA GLU B 112 33.71 -2.74 -10.13
C GLU B 112 34.68 -2.40 -9.01
N TYR B 113 34.13 -1.80 -7.95
CA TYR B 113 34.87 -1.47 -6.73
C TYR B 113 35.64 -2.67 -6.16
N LEU B 114 34.93 -3.77 -6.00
CA LEU B 114 35.52 -5.04 -5.50
C LEU B 114 36.52 -5.69 -6.46
N GLN B 115 36.24 -5.64 -7.76
CA GLN B 115 37.10 -6.24 -8.78
C GLN B 115 38.44 -5.51 -8.93
N ALA B 116 38.38 -4.18 -8.94
CA ALA B 116 39.59 -3.34 -8.98
C ALA B 116 40.49 -3.45 -7.75
N ARG B 117 39.90 -3.86 -6.61
CA ARG B 117 40.61 -4.01 -5.32
C ARG B 117 40.84 -5.49 -4.91
N ARG B 118 41.18 -6.32 -5.89
CA ARG B 118 41.49 -7.72 -5.65
C ARG B 118 42.99 -7.90 -5.41
N PRO B 119 43.38 -8.64 -4.31
CA PRO B 119 44.83 -8.86 -4.17
C PRO B 119 45.39 -9.87 -5.17
N GLU B 133 44.09 -0.43 -5.58
CA GLU B 133 44.01 0.56 -4.49
C GLU B 133 44.37 -0.08 -3.14
N GLU B 134 43.37 -0.37 -2.30
CA GLU B 134 43.56 -0.98 -1.00
C GLU B 134 43.01 -2.39 -1.08
N GLN B 135 43.87 -3.39 -0.89
CA GLN B 135 43.42 -4.77 -0.69
C GLN B 135 42.60 -4.81 0.61
N LEU B 136 41.30 -5.01 0.46
CA LEU B 136 40.30 -4.77 1.54
C LEU B 136 40.35 -5.87 2.57
N SER B 137 40.46 -5.48 3.84
CA SER B 137 40.51 -6.45 4.95
C SER B 137 39.21 -7.23 5.07
N SER B 138 39.28 -8.38 5.73
CA SER B 138 38.07 -9.15 6.10
C SER B 138 37.01 -8.25 6.75
N LYS B 139 37.43 -7.33 7.60
CA LYS B 139 36.55 -6.34 8.24
C LYS B 139 35.81 -5.44 7.23
N ASP B 140 36.57 -4.86 6.30
CA ASP B 140 36.02 -3.99 5.22
C ASP B 140 34.84 -4.62 4.48
N LEU B 141 34.99 -5.89 4.13
CA LEU B 141 33.96 -6.66 3.42
C LEU B 141 32.69 -6.86 4.24
N VAL B 142 32.84 -7.19 5.52
CA VAL B 142 31.70 -7.42 6.44
C VAL B 142 31.04 -6.07 6.74
N SER B 143 31.87 -5.07 7.04
CA SER B 143 31.42 -3.66 7.17
C SER B 143 30.57 -3.24 5.98
N CYS B 144 31.10 -3.49 4.79
CA CYS B 144 30.42 -3.21 3.52
C CYS B 144 29.05 -3.91 3.42
N ALA B 145 28.97 -5.16 3.85
CA ALA B 145 27.71 -5.93 3.85
C ALA B 145 26.67 -5.39 4.84
N TYR B 146 27.14 -5.04 6.04
CA TYR B 146 26.31 -4.37 7.07
C TYR B 146 25.60 -3.13 6.53
N GLN B 147 26.37 -2.26 5.90
CA GLN B 147 25.86 -1.00 5.34
C GLN B 147 24.68 -1.20 4.38
N VAL B 148 24.82 -2.17 3.49
CA VAL B 148 23.75 -2.53 2.54
C VAL B 148 22.50 -3.03 3.28
N ALA B 149 22.70 -3.84 4.31
CA ALA B 149 21.58 -4.33 5.13
C ALA B 149 20.83 -3.21 5.85
N ARG B 150 21.59 -2.24 6.35
CA ARG B 150 21.00 -1.03 6.96
C ARG B 150 20.15 -0.25 5.98
N GLY B 151 20.72 0.00 4.80
CA GLY B 151 20.03 0.68 3.71
C GLY B 151 18.74 -0.03 3.30
N MET B 152 18.80 -1.35 3.18
CA MET B 152 17.62 -2.18 2.87
C MET B 152 16.57 -2.22 3.99
N GLU B 153 17.01 -2.19 5.24
CA GLU B 153 16.10 -2.10 6.40
C GLU B 153 15.25 -0.83 6.31
N TYR B 154 15.90 0.29 6.02
CA TYR B 154 15.23 1.58 5.86
C TYR B 154 14.18 1.47 4.74
N LEU B 155 14.64 1.07 3.56
CA LEU B 155 13.74 0.89 2.39
C LEU B 155 12.56 -0.05 2.69
N ALA B 156 12.86 -1.14 3.38
CA ALA B 156 11.82 -2.06 3.88
C ALA B 156 10.85 -1.36 4.85
N SER B 157 11.41 -0.58 5.78
CA SER B 157 10.60 0.21 6.74
C SER B 157 9.69 1.22 6.04
N LYS B 158 10.11 1.70 4.88
CA LYS B 158 9.30 2.59 4.03
C LYS B 158 8.60 1.85 2.88
N LYS B 159 8.26 0.57 3.12
CA LYS B 159 7.46 -0.27 2.19
C LYS B 159 8.01 -0.37 0.75
N CYS B 160 9.32 -0.22 0.60
CA CYS B 160 9.98 -0.16 -0.70
C CYS B 160 10.68 -1.48 -1.00
N ILE B 161 10.18 -2.16 -2.03
CA ILE B 161 10.76 -3.41 -2.50
C ILE B 161 11.71 -3.05 -3.64
N HIS B 162 12.96 -3.50 -3.52
CA HIS B 162 14.00 -3.22 -4.53
C HIS B 162 13.75 -3.95 -5.85
N ARG B 163 13.58 -5.27 -5.78
CA ARG B 163 13.33 -6.19 -6.94
C ARG B 163 14.53 -6.61 -7.77
N ASP B 164 15.68 -5.97 -7.53
CA ASP B 164 16.90 -6.25 -8.29
C ASP B 164 18.12 -5.80 -7.49
N LEU B 165 18.14 -6.21 -6.23
CA LEU B 165 19.25 -5.89 -5.36
C LEU B 165 20.44 -6.71 -5.81
N ALA B 166 21.52 -6.01 -6.13
CA ALA B 166 22.77 -6.61 -6.61
C ALA B 166 23.89 -5.61 -6.51
N ALA B 167 25.12 -6.10 -6.44
CA ALA B 167 26.32 -5.25 -6.38
C ALA B 167 26.39 -4.22 -7.52
N ARG B 168 25.85 -4.59 -8.69
CA ARG B 168 25.72 -3.67 -9.85
C ARG B 168 24.91 -2.43 -9.50
N ASN B 169 23.91 -2.60 -8.64
CA ASN B 169 23.04 -1.50 -8.15
C ASN B 169 23.33 -1.07 -6.70
N VAL B 170 24.59 -1.15 -6.31
CA VAL B 170 25.09 -0.54 -5.07
C VAL B 170 26.25 0.34 -5.46
N LEU B 171 26.13 1.62 -5.17
CA LEU B 171 27.18 2.59 -5.46
C LEU B 171 28.03 2.86 -4.24
N VAL B 172 29.23 3.39 -4.49
CA VAL B 172 30.26 3.60 -3.48
C VAL B 172 30.85 5.00 -3.61
N THR B 173 30.87 5.73 -2.50
CA THR B 173 31.28 7.15 -2.48
C THR B 173 32.78 7.31 -2.29
N GLU B 174 33.26 8.56 -2.43
CA GLU B 174 34.63 8.96 -2.09
C GLU B 174 35.04 8.53 -0.66
N ASP B 175 34.09 8.63 0.26
CA ASP B 175 34.26 8.21 1.67
C ASP B 175 33.95 6.71 1.91
N ASN B 176 33.85 5.95 0.83
CA ASN B 176 33.60 4.49 0.89
C ASN B 176 32.32 4.07 1.66
N VAL B 177 31.27 4.90 1.53
CA VAL B 177 29.92 4.52 2.06
C VAL B 177 29.11 3.88 0.93
N MET B 178 28.45 2.76 1.26
CA MET B 178 27.62 2.01 0.31
C MET B 178 26.25 2.70 0.22
N LYS B 179 25.83 2.98 -1.01
CA LYS B 179 24.53 3.60 -1.29
C LYS B 179 23.77 2.76 -2.31
N ILE B 180 22.64 2.22 -1.87
CA ILE B 180 21.76 1.44 -2.73
C ILE B 180 21.11 2.36 -3.76
N ALA B 181 20.97 1.84 -4.98
CA ALA B 181 20.38 2.56 -6.11
C ALA B 181 19.33 1.69 -6.80
N ASP B 182 18.57 2.31 -7.69
CA ASP B 182 17.52 1.65 -8.48
C ASP B 182 16.42 0.97 -7.67
N PHE B 183 16.32 1.33 -6.40
CA PHE B 183 15.27 0.80 -5.53
C PHE B 183 13.94 1.37 -6.00
N GLY B 184 13.02 0.49 -6.37
CA GLY B 184 11.73 0.90 -6.91
C GLY B 184 11.66 0.55 -8.39
N LEU B 185 11.70 1.58 -9.24
CA LEU B 185 11.61 1.41 -10.70
C LEU B 185 10.55 0.39 -11.14
N ASP B 193 10.92 -10.46 -19.22
CA ASP B 193 11.63 -11.65 -19.67
C ASP B 193 12.85 -11.96 -18.80
N TYR B 194 13.42 -13.14 -19.01
CA TYR B 194 14.61 -13.61 -18.29
C TYR B 194 15.88 -13.71 -19.15
N TYR B 195 15.90 -13.04 -20.30
CA TYR B 195 17.04 -13.11 -21.24
C TYR B 195 17.86 -11.83 -21.42
N LYS B 196 17.33 -10.67 -21.06
CA LYS B 196 18.04 -9.42 -21.26
C LYS B 196 19.23 -9.39 -20.30
N LYS B 197 20.43 -9.51 -20.85
CA LYS B 197 21.66 -9.56 -20.06
C LYS B 197 22.07 -8.16 -19.65
N THR B 198 23.07 -8.08 -18.77
CA THR B 198 23.63 -6.82 -18.29
C THR B 198 24.69 -6.30 -19.26
N ARG B 202 25.76 -10.92 -17.74
CA ARG B 202 25.28 -11.26 -16.40
C ARG B 202 23.75 -11.27 -16.40
N LEU B 203 23.16 -12.43 -16.06
CA LEU B 203 21.71 -12.60 -16.08
C LEU B 203 21.09 -12.23 -14.73
N PRO B 204 20.33 -11.11 -14.65
CA PRO B 204 19.79 -10.65 -13.36
C PRO B 204 18.80 -11.62 -12.67
N VAL B 205 18.26 -12.56 -13.45
CA VAL B 205 17.45 -13.65 -12.92
C VAL B 205 18.21 -14.47 -11.87
N LYS B 206 19.53 -14.51 -11.96
CA LYS B 206 20.37 -15.22 -10.98
C LYS B 206 20.38 -14.62 -9.57
N TRP B 207 19.87 -13.40 -9.46
CA TRP B 207 19.62 -12.74 -8.18
C TRP B 207 18.20 -12.93 -7.68
N MET B 208 17.30 -13.40 -8.56
CA MET B 208 15.88 -13.55 -8.24
C MET B 208 15.61 -14.78 -7.41
N ALA B 209 14.80 -14.59 -6.36
CA ALA B 209 14.26 -15.70 -5.56
C ALA B 209 13.32 -16.59 -6.39
N PRO B 210 13.17 -17.87 -5.99
CA PRO B 210 12.31 -18.83 -6.72
C PRO B 210 10.87 -18.35 -6.93
N GLU B 211 10.25 -17.87 -5.85
CA GLU B 211 8.87 -17.32 -5.95
C GLU B 211 8.77 -16.13 -6.92
N ALA B 212 9.77 -15.26 -6.90
CA ALA B 212 9.86 -14.13 -7.83
C ALA B 212 10.09 -14.64 -9.25
N LEU B 213 11.00 -15.61 -9.37
CA LEU B 213 11.36 -16.19 -10.66
C LEU B 213 10.19 -16.95 -11.30
N PHE B 214 9.64 -17.90 -10.57
CA PHE B 214 8.55 -18.75 -11.08
C PHE B 214 7.22 -18.01 -11.12
N ASP B 215 6.82 -17.48 -9.96
CA ASP B 215 5.45 -16.92 -9.76
C ASP B 215 5.31 -15.41 -9.94
N ARG B 216 6.40 -14.70 -10.23
CA ARG B 216 6.43 -13.22 -10.35
C ARG B 216 5.93 -12.49 -9.08
N ILE B 217 6.20 -13.11 -7.93
CA ILE B 217 5.78 -12.60 -6.62
C ILE B 217 7.01 -11.98 -5.95
N TYR B 218 7.08 -10.65 -6.02
CA TYR B 218 8.14 -9.89 -5.37
C TYR B 218 7.71 -9.43 -3.98
N THR B 219 8.58 -9.64 -3.01
CA THR B 219 8.36 -9.26 -1.60
C THR B 219 9.68 -8.79 -0.99
N HIS B 220 9.62 -8.31 0.25
CA HIS B 220 10.83 -8.02 1.02
C HIS B 220 11.65 -9.26 1.31
N GLN B 221 10.98 -10.41 1.39
CA GLN B 221 11.67 -11.69 1.52
C GLN B 221 12.42 -12.09 0.23
N SER B 222 11.85 -11.80 -0.93
CA SER B 222 12.53 -12.01 -2.21
C SER B 222 13.79 -11.12 -2.36
N ASP B 223 13.74 -9.93 -1.78
CA ASP B 223 14.92 -9.05 -1.71
C ASP B 223 16.01 -9.66 -0.84
N VAL B 224 15.61 -10.28 0.26
CA VAL B 224 16.56 -10.96 1.17
C VAL B 224 17.30 -12.09 0.46
N TRP B 225 16.60 -12.85 -0.38
CA TRP B 225 17.23 -13.85 -1.24
C TRP B 225 18.35 -13.21 -2.06
N SER B 226 18.01 -12.09 -2.71
CA SER B 226 18.97 -11.33 -3.50
C SER B 226 20.14 -10.82 -2.66
N PHE B 227 19.85 -10.37 -1.45
CA PHE B 227 20.89 -9.99 -0.49
C PHE B 227 21.84 -11.14 -0.17
N GLY B 228 21.29 -12.35 -0.11
CA GLY B 228 22.10 -13.58 -0.05
C GLY B 228 23.12 -13.67 -1.18
N VAL B 229 22.64 -13.43 -2.39
CA VAL B 229 23.50 -13.45 -3.59
C VAL B 229 24.50 -12.30 -3.55
N LEU B 230 24.05 -11.13 -3.09
CA LEU B 230 24.93 -9.95 -2.94
C LEU B 230 26.07 -10.22 -1.95
N LEU B 231 25.78 -10.96 -0.88
CA LEU B 231 26.81 -11.37 0.09
C LEU B 231 27.87 -12.25 -0.59
N TRP B 232 27.41 -13.23 -1.35
CA TRP B 232 28.29 -14.09 -2.17
C TRP B 232 29.14 -13.25 -3.14
N GLU B 233 28.51 -12.26 -3.79
CA GLU B 233 29.23 -11.28 -4.63
C GLU B 233 30.36 -10.56 -3.89
N ILE B 234 30.07 -10.10 -2.68
CA ILE B 234 31.04 -9.38 -1.84
C ILE B 234 32.26 -10.25 -1.56
N PHE B 235 32.01 -11.43 -1.00
CA PHE B 235 33.08 -12.34 -0.56
C PHE B 235 33.77 -13.16 -1.67
N THR B 236 33.28 -13.02 -2.90
CA THR B 236 34.01 -13.44 -4.12
C THR B 236 34.59 -12.24 -4.88
N LEU B 237 34.73 -11.10 -4.19
CA LEU B 237 35.29 -9.85 -4.75
C LEU B 237 34.78 -9.50 -6.16
N GLY B 238 33.47 -9.60 -6.32
CA GLY B 238 32.78 -9.32 -7.58
C GLY B 238 32.63 -10.53 -8.49
N GLY B 239 32.52 -11.71 -7.89
CA GLY B 239 32.38 -12.96 -8.64
C GLY B 239 31.03 -13.07 -9.29
N SER B 240 30.98 -13.73 -10.44
CA SER B 240 29.75 -13.93 -11.21
C SER B 240 29.03 -15.21 -10.72
N PRO B 241 27.80 -15.07 -10.21
CA PRO B 241 27.09 -16.24 -9.67
C PRO B 241 26.55 -17.14 -10.79
N TYR B 242 26.54 -18.45 -10.55
CA TYR B 242 26.12 -19.48 -11.54
C TYR B 242 26.74 -19.29 -12.93
N PRO B 243 28.08 -19.29 -13.01
CA PRO B 243 28.75 -18.97 -14.28
C PRO B 243 28.52 -20.04 -15.33
N GLY B 244 28.12 -19.61 -16.52
CA GLY B 244 27.80 -20.51 -17.64
C GLY B 244 26.44 -21.19 -17.61
N VAL B 245 25.64 -20.91 -16.58
CA VAL B 245 24.34 -21.55 -16.40
C VAL B 245 23.30 -20.70 -17.13
N PRO B 246 22.64 -21.26 -18.16
CA PRO B 246 21.60 -20.49 -18.82
C PRO B 246 20.32 -20.54 -18.01
N VAL B 247 19.32 -19.79 -18.48
CA VAL B 247 18.07 -19.59 -17.74
C VAL B 247 17.34 -20.93 -17.51
N GLU B 248 17.08 -21.63 -18.61
CA GLU B 248 16.47 -22.97 -18.59
C GLU B 248 17.01 -23.85 -17.47
N GLU B 249 18.34 -23.89 -17.36
CA GLU B 249 19.05 -24.73 -16.37
C GLU B 249 18.95 -24.24 -14.93
N LEU B 250 19.05 -22.91 -14.76
CA LEU B 250 18.89 -22.27 -13.44
C LEU B 250 17.57 -22.64 -12.77
N PHE B 251 16.49 -22.73 -13.57
CA PHE B 251 15.16 -23.13 -13.09
C PHE B 251 15.29 -24.48 -12.38
N LYS B 252 15.85 -25.45 -13.10
CA LYS B 252 15.99 -26.83 -12.63
C LYS B 252 16.80 -26.88 -11.33
N LEU B 253 17.93 -26.16 -11.29
CA LEU B 253 18.80 -26.09 -10.11
C LEU B 253 18.05 -25.60 -8.87
N LEU B 254 17.40 -24.45 -9.02
CA LEU B 254 16.61 -23.85 -7.94
C LEU B 254 15.49 -24.77 -7.46
N LYS B 255 14.83 -25.44 -8.42
CA LYS B 255 13.82 -26.46 -8.12
C LYS B 255 14.40 -27.58 -7.26
N GLU B 256 15.55 -28.10 -7.68
CA GLU B 256 16.26 -29.20 -6.97
C GLU B 256 16.90 -28.82 -5.62
N GLY B 257 16.72 -27.58 -5.18
CA GLY B 257 17.26 -27.10 -3.90
C GLY B 257 18.75 -26.88 -3.92
N HIS B 258 19.32 -26.67 -5.11
CA HIS B 258 20.75 -26.45 -5.27
C HIS B 258 21.11 -25.05 -4.79
N ARG B 259 22.23 -24.94 -4.09
CA ARG B 259 22.72 -23.68 -3.53
C ARG B 259 24.23 -23.54 -3.75
N MET B 260 24.68 -22.32 -3.99
CA MET B 260 26.08 -22.05 -4.35
C MET B 260 27.05 -22.44 -3.22
N ASP B 261 28.28 -22.80 -3.59
CA ASP B 261 29.33 -23.18 -2.63
C ASP B 261 29.86 -21.92 -1.93
N LYS B 262 30.43 -22.14 -0.73
CA LYS B 262 31.09 -21.07 0.04
C LYS B 262 32.27 -20.47 -0.75
N PRO B 263 32.46 -19.14 -0.68
CA PRO B 263 33.66 -18.51 -1.25
C PRO B 263 34.95 -18.88 -0.49
N SER B 264 36.10 -18.46 -1.03
CA SER B 264 37.42 -18.79 -0.46
C SER B 264 37.58 -18.32 0.97
N ASN B 265 37.62 -17.00 1.16
CA ASN B 265 37.73 -16.40 2.49
C ASN B 265 36.32 -15.99 2.95
N CYS B 266 35.74 -16.80 3.81
CA CYS B 266 34.36 -16.61 4.29
C CYS B 266 34.09 -17.57 5.44
N THR B 267 33.66 -17.04 6.59
CA THR B 267 33.42 -17.85 7.78
C THR B 267 32.20 -18.77 7.57
N ASN B 268 32.08 -19.77 8.43
CA ASN B 268 30.93 -20.68 8.41
C ASN B 268 29.65 -19.94 8.77
N GLU B 269 29.74 -19.01 9.73
CA GLU B 269 28.62 -18.16 10.14
C GLU B 269 28.06 -17.32 8.97
N LEU B 270 28.95 -16.68 8.22
CA LEU B 270 28.57 -15.87 7.04
C LEU B 270 27.99 -16.72 5.91
N TYR B 271 28.58 -17.90 5.67
CA TYR B 271 28.03 -18.83 4.67
C TYR B 271 26.64 -19.32 5.10
N MET B 272 26.45 -19.56 6.38
CA MET B 272 25.13 -19.91 6.94
C MET B 272 24.12 -18.76 6.75
N MET B 273 24.57 -17.51 6.87
CA MET B 273 23.74 -16.34 6.56
C MET B 273 23.27 -16.33 5.10
N MET B 274 24.17 -16.60 4.17
CA MET B 274 23.79 -16.79 2.77
C MET B 274 22.71 -17.86 2.62
N ARG B 275 22.93 -18.99 3.29
CA ARG B 275 22.01 -20.12 3.21
C ARG B 275 20.64 -19.80 3.82
N ASP B 276 20.66 -19.09 4.95
CA ASP B 276 19.43 -18.58 5.60
C ASP B 276 18.63 -17.71 4.62
N CYS B 277 19.33 -16.78 3.97
CA CYS B 277 18.74 -15.93 2.92
C CYS B 277 18.18 -16.74 1.76
N TRP B 278 18.86 -17.84 1.41
CA TRP B 278 18.41 -18.76 0.36
C TRP B 278 17.48 -19.91 0.83
N HIS B 279 16.66 -19.65 1.85
CA HIS B 279 15.69 -20.65 2.32
C HIS B 279 14.53 -20.75 1.34
N ALA B 280 14.16 -21.99 0.97
CA ALA B 280 13.15 -22.25 -0.08
C ALA B 280 11.80 -21.58 0.24
N VAL B 281 11.35 -21.78 1.48
CA VAL B 281 10.17 -21.11 2.04
C VAL B 281 10.49 -19.65 2.39
N PRO B 282 9.85 -18.66 1.71
CA PRO B 282 10.08 -17.22 1.94
C PRO B 282 9.96 -16.73 3.39
N SER B 283 8.89 -17.15 4.06
CA SER B 283 8.63 -16.74 5.45
C SER B 283 9.67 -17.23 6.48
N GLN B 284 10.42 -18.26 6.12
CA GLN B 284 11.50 -18.80 6.95
C GLN B 284 12.82 -18.04 6.82
N ARG B 285 12.94 -17.20 5.79
CA ARG B 285 14.13 -16.35 5.62
C ARG B 285 14.12 -15.26 6.68
N PRO B 286 15.32 -14.81 7.11
CA PRO B 286 15.36 -13.71 8.07
C PRO B 286 14.98 -12.38 7.43
N THR B 287 14.55 -11.44 8.26
CA THR B 287 14.24 -10.09 7.80
C THR B 287 15.51 -9.26 7.81
N PHE B 288 15.51 -8.16 7.07
CA PHE B 288 16.65 -7.22 7.08
C PHE B 288 16.94 -6.75 8.50
N LYS B 289 15.89 -6.41 9.24
CA LYS B 289 15.96 -6.09 10.67
C LYS B 289 16.90 -7.03 11.40
N GLN B 290 16.64 -8.33 11.30
CA GLN B 290 17.48 -9.38 11.91
C GLN B 290 18.89 -9.38 11.33
N LEU B 291 18.98 -9.38 10.00
CA LEU B 291 20.28 -9.37 9.30
C LEU B 291 21.18 -8.22 9.74
N VAL B 292 20.59 -7.05 9.95
CA VAL B 292 21.34 -5.89 10.43
C VAL B 292 21.94 -6.18 11.80
N GLU B 293 21.13 -6.73 12.70
CA GLU B 293 21.57 -7.05 14.09
C GLU B 293 22.71 -8.05 14.12
N ASP B 294 22.57 -9.11 13.32
CA ASP B 294 23.58 -10.17 13.24
C ASP B 294 24.87 -9.62 12.66
N LEU B 295 24.76 -8.96 11.52
CA LEU B 295 25.90 -8.29 10.88
C LEU B 295 26.57 -7.27 11.81
N ASP B 296 25.77 -6.49 12.52
CA ASP B 296 26.26 -5.53 13.53
C ASP B 296 27.25 -6.21 14.47
N ARG B 297 26.79 -7.27 15.11
CA ARG B 297 27.58 -8.05 16.06
C ARG B 297 28.81 -8.67 15.41
N ILE B 298 28.66 -9.18 14.19
CA ILE B 298 29.75 -9.86 13.47
C ILE B 298 30.86 -8.88 13.11
N VAL B 299 30.51 -7.69 12.63
CA VAL B 299 31.50 -6.63 12.36
C VAL B 299 32.26 -6.31 13.64
N ALA B 300 31.52 -6.11 14.72
CA ALA B 300 32.06 -5.83 16.06
C ALA B 300 33.06 -6.86 16.54
N LEU B 301 32.76 -8.14 16.31
CA LEU B 301 33.66 -9.24 16.75
C LEU B 301 34.85 -9.43 15.80
N THR B 302 34.59 -9.37 14.49
CA THR B 302 35.67 -9.42 13.49
C THR B 302 36.64 -8.22 13.56
N SER B 303 36.23 -7.15 14.23
CA SER B 303 37.11 -6.04 14.60
C SER B 303 38.26 -6.49 15.51
N ASN B 304 39.23 -5.57 15.68
CA ASN B 304 40.54 -5.82 16.31
C ASN B 304 41.59 -6.42 15.35
N GLN B 305 41.21 -6.58 14.07
CA GLN B 305 42.07 -7.14 13.03
C GLN B 305 41.61 -6.70 11.64
C1 LEV C . -16.24 6.51 -5.69
O2 LEV C . -16.93 5.65 -4.77
C3 LEV C . -17.93 6.13 -3.98
C4 LEV C . -17.66 7.14 -3.09
C5 LEV C . -18.66 7.64 -2.25
N6 LEV C . -18.39 8.62 -1.40
C7 LEV C . -19.32 9.09 -0.59
C8 LEV C . -20.63 8.63 -0.58
C9 LEV C . -21.00 7.60 -1.46
C10 LEV C . -19.97 7.09 -2.32
C11 LEV C . -20.24 6.05 -3.22
C12 LEV C . -19.23 5.56 -4.05
C13 LEV C . -19.56 4.42 -4.94
O14 LEV C . -20.66 3.92 -4.88
N15 LEV C . -18.65 3.85 -5.77
O16 LEV C . -22.25 7.09 -1.55
C17 LEV C . -23.13 7.14 -0.53
C18 LEV C . -23.93 8.27 -0.35
C19 LEV C . -24.83 8.31 0.70
C20 LEV C . -24.92 7.24 1.57
C21 LEV C . -24.12 6.11 1.37
C22 LEV C . -23.22 6.06 0.32
N23 LEV C . -25.85 7.34 2.60
C24 LEV C . -25.62 6.91 3.87
O25 LEV C . -24.57 6.40 4.23
N26 LEV C . -26.65 7.08 4.73
C27 LEV C . -26.58 6.65 6.12
C28 LEV C . -27.58 7.18 7.15
C29 LEV C . -27.82 5.84 6.46
CL LEV C . -25.84 9.68 0.96
C1 LEV D . 31.20 7.05 -11.57
O2 LEV D . 30.28 6.07 -11.10
C3 LEV D . 28.97 6.38 -10.90
C4 LEV D . 28.65 7.27 -9.91
C5 LEV D . 27.30 7.60 -9.67
N6 LEV D . 26.99 8.47 -8.70
C7 LEV D . 25.74 8.80 -8.47
C8 LEV D . 24.68 8.27 -9.19
C9 LEV D . 24.92 7.36 -10.21
C10 LEV D . 26.28 7.01 -10.46
C11 LEV D . 26.62 6.10 -11.47
C12 LEV D . 27.96 5.77 -11.69
C13 LEV D . 28.26 4.79 -12.77
O14 LEV D . 27.48 4.66 -13.68
N15 LEV D . 29.36 4.01 -12.74
O16 LEV D . 23.96 6.79 -10.98
C17 LEV D . 22.65 6.78 -10.62
C18 LEV D . 21.89 7.94 -10.76
C19 LEV D . 20.57 7.94 -10.38
C20 LEV D . 19.98 6.78 -9.88
C21 LEV D . 20.74 5.61 -9.76
C22 LEV D . 22.08 5.62 -10.11
N23 LEV D . 18.62 6.88 -9.55
C24 LEV D . 18.01 6.22 -8.54
O25 LEV D . 18.62 5.47 -7.80
N26 LEV D . 16.69 6.42 -8.36
C27 LEV D . 15.95 5.75 -7.31
C28 LEV D . 14.55 6.20 -6.87
C29 LEV D . 14.72 5.02 -7.83
CL LEV D . 19.60 9.35 -10.54
#